data_6CG7
#
_entry.id   6CG7
#
_cell.length_a   50.260
_cell.length_b   45.077
_cell.length_c   128.054
_cell.angle_alpha   90.00
_cell.angle_beta   92.25
_cell.angle_gamma   90.00
#
_symmetry.space_group_name_H-M   'P 1 2 1'
#
loop_
_entity.id
_entity.type
_entity.pdbx_description
1 polymer Cadherin-22
2 non-polymer 'CALCIUM ION'
3 water water
#
_entity_poly.entity_id   1
_entity_poly.type   'polypeptide(L)'
_entity_poly.pdbx_seq_one_letter_code
;GWVWNQFFVVEEYTGTEPLYVGKIHSDSDEGDGTIKYTISGEGAGTIFLIDELTGDIHATERLDREQKTFYTLRAQARDR
ATNRLLEPESEFIIKVQDINDSEPRFLHGPYIGSVAELSPTGTSVMQVMASDADDPTYGSSARLVYSVLDGEHHFTVDPK
TGVIRTAVPDLDRESQERYEVVIQATDMAGQLGGLSGSTTVTIVVTD
;
_entity_poly.pdbx_strand_id   A,B
#
loop_
_chem_comp.id
_chem_comp.type
_chem_comp.name
_chem_comp.formula
CA non-polymer 'CALCIUM ION' 'Ca 2'
#
# COMPACT_ATOMS: atom_id res chain seq x y z
N GLY A 1 -15.57 23.17 -4.54
CA GLY A 1 -15.48 22.45 -3.24
C GLY A 1 -14.39 21.40 -3.23
N TRP A 2 -14.19 20.79 -2.06
CA TRP A 2 -13.19 19.73 -1.93
C TRP A 2 -13.64 18.48 -2.66
N VAL A 3 -12.69 17.79 -3.28
CA VAL A 3 -12.93 16.52 -3.94
C VAL A 3 -12.49 15.42 -2.98
N TRP A 4 -13.44 14.61 -2.52
CA TRP A 4 -13.18 13.54 -1.57
C TRP A 4 -13.57 12.16 -2.07
N ASN A 5 -14.52 12.06 -2.99
CA ASN A 5 -15.06 10.78 -3.43
C ASN A 5 -14.03 10.00 -4.23
N GLN A 6 -12.99 9.48 -3.57
CA GLN A 6 -11.90 8.84 -4.28
C GLN A 6 -11.22 7.82 -3.39
N PHE A 7 -10.59 6.85 -4.03
CA PHE A 7 -9.71 5.89 -3.36
C PHE A 7 -8.43 5.77 -4.17
N PHE A 8 -7.33 5.50 -3.47
CA PHE A 8 -6.02 5.42 -4.09
C PHE A 8 -5.45 4.02 -3.92
N VAL A 9 -4.90 3.47 -5.00
CA VAL A 9 -4.42 2.10 -5.03
C VAL A 9 -3.07 2.08 -5.76
N VAL A 10 -2.06 1.49 -5.14
CA VAL A 10 -0.75 1.38 -5.79
C VAL A 10 -0.84 0.37 -6.93
N GLU A 11 -0.14 0.66 -8.02
CA GLU A 11 -0.14 -0.25 -9.15
C GLU A 11 0.85 -1.40 -8.91
N GLU A 12 0.76 -2.39 -9.79
CA GLU A 12 1.68 -3.53 -9.80
C GLU A 12 1.85 -4.14 -8.41
N TYR A 13 0.73 -4.34 -7.72
CA TYR A 13 0.76 -5.01 -6.43
C TYR A 13 0.87 -6.52 -6.65
N THR A 14 1.85 -7.14 -6.01
CA THR A 14 2.17 -8.55 -6.25
C THR A 14 1.72 -9.48 -5.13
N GLY A 15 1.32 -8.95 -3.98
CA GLY A 15 1.05 -9.77 -2.82
C GLY A 15 -0.14 -10.69 -3.00
N THR A 16 -0.29 -11.59 -2.02
CA THR A 16 -1.36 -12.59 -2.07
C THR A 16 -2.68 -12.02 -1.58
N GLU A 17 -2.70 -11.40 -0.40
CA GLU A 17 -3.94 -10.88 0.13
C GLU A 17 -4.43 -9.75 -0.77
N PRO A 18 -5.70 -9.74 -1.18
CA PRO A 18 -6.21 -8.63 -2.01
C PRO A 18 -5.91 -7.28 -1.39
N LEU A 19 -5.63 -6.30 -2.25
CA LEU A 19 -5.35 -4.96 -1.78
C LEU A 19 -6.63 -4.31 -1.27
N TYR A 20 -6.51 -3.54 -0.19
CA TYR A 20 -7.62 -2.78 0.36
C TYR A 20 -7.72 -1.45 -0.37
N VAL A 21 -8.84 -1.24 -1.06
CA VAL A 21 -9.05 0.01 -1.79
C VAL A 21 -9.59 1.08 -0.86
N GLY A 22 -10.55 0.73 -0.01
CA GLY A 22 -11.15 1.68 0.91
C GLY A 22 -12.46 1.13 1.45
N LYS A 23 -13.39 2.05 1.70
CA LYS A 23 -14.67 1.70 2.32
C LYS A 23 -15.69 2.76 1.96
N ILE A 24 -16.74 2.38 1.24
CA ILE A 24 -17.90 3.26 1.09
C ILE A 24 -18.79 3.08 2.30
N HIS A 25 -19.43 4.17 2.74
CA HIS A 25 -20.17 4.14 3.99
C HIS A 25 -21.14 5.31 4.00
N SER A 26 -22.30 5.09 4.61
CA SER A 26 -23.32 6.12 4.79
C SER A 26 -23.45 6.44 6.27
N ASP A 27 -23.42 7.73 6.61
CA ASP A 27 -23.62 8.13 8.01
C ASP A 27 -25.00 7.76 8.52
N SER A 28 -25.90 7.31 7.64
CA SER A 28 -27.17 6.73 8.07
C SER A 28 -26.99 5.31 8.59
N ASP A 29 -25.80 4.73 8.43
CA ASP A 29 -25.53 3.36 8.86
C ASP A 29 -25.45 3.29 10.38
N GLU A 30 -26.46 2.67 10.99
CA GLU A 30 -26.50 2.49 12.43
C GLU A 30 -25.66 1.30 12.89
N GLY A 31 -25.06 0.55 11.96
CA GLY A 31 -24.19 -0.54 12.34
C GLY A 31 -24.92 -1.80 12.75
N ASP A 32 -26.03 -2.13 12.09
CA ASP A 32 -26.82 -3.30 12.43
C ASP A 32 -26.93 -4.33 11.31
N GLY A 33 -26.55 -3.98 10.08
CA GLY A 33 -26.60 -4.92 8.98
C GLY A 33 -27.81 -4.81 8.09
N THR A 34 -28.64 -3.79 8.26
CA THR A 34 -29.80 -3.54 7.41
C THR A 34 -29.42 -2.84 6.12
N ILE A 35 -28.12 -2.67 5.88
CA ILE A 35 -27.60 -1.93 4.74
C ILE A 35 -26.91 -2.91 3.80
N LYS A 36 -27.15 -2.74 2.50
CA LYS A 36 -26.51 -3.57 1.49
C LYS A 36 -25.76 -2.63 0.54
N TYR A 37 -24.43 -2.64 0.64
CA TYR A 37 -23.58 -1.81 -0.20
C TYR A 37 -23.24 -2.56 -1.48
N THR A 38 -23.41 -1.90 -2.62
CA THR A 38 -23.12 -2.51 -3.91
C THR A 38 -22.35 -1.54 -4.78
N ILE A 39 -21.62 -2.10 -5.75
CA ILE A 39 -20.75 -1.34 -6.64
C ILE A 39 -21.12 -1.64 -8.07
N SER A 40 -21.00 -0.64 -8.93
CA SER A 40 -21.16 -0.80 -10.37
C SER A 40 -20.15 0.07 -11.09
N GLY A 41 -20.04 -0.15 -12.40
CA GLY A 41 -19.13 0.63 -13.22
C GLY A 41 -17.87 -0.12 -13.62
N GLU A 42 -16.80 0.63 -13.88
CA GLU A 42 -15.57 0.04 -14.38
C GLU A 42 -14.94 -0.87 -13.34
N GLY A 43 -14.69 -2.12 -13.72
CA GLY A 43 -14.10 -3.09 -12.82
C GLY A 43 -15.01 -3.58 -11.72
N ALA A 44 -16.27 -3.15 -11.71
CA ALA A 44 -17.18 -3.58 -10.66
C ALA A 44 -17.48 -5.07 -10.78
N GLY A 45 -17.41 -5.78 -9.66
CA GLY A 45 -17.69 -7.20 -9.64
C GLY A 45 -16.64 -8.08 -10.29
N THR A 46 -15.50 -7.52 -10.68
CA THR A 46 -14.44 -8.31 -11.31
C THR A 46 -13.08 -7.89 -10.75
N ILE A 47 -12.62 -6.71 -11.13
CA ILE A 47 -11.36 -6.19 -10.62
C ILE A 47 -11.52 -5.75 -9.16
N PHE A 48 -12.57 -4.99 -8.89
CA PHE A 48 -12.86 -4.50 -7.55
C PHE A 48 -14.09 -5.22 -7.01
N LEU A 49 -13.97 -5.80 -5.82
CA LEU A 49 -15.07 -6.48 -5.15
C LEU A 49 -15.34 -5.82 -3.81
N ILE A 50 -16.62 -5.80 -3.42
CA ILE A 50 -17.07 -5.10 -2.23
C ILE A 50 -17.71 -6.08 -1.26
N ASP A 51 -17.56 -5.80 0.02
CA ASP A 51 -18.22 -6.55 1.09
C ASP A 51 -19.54 -5.85 1.41
N GLU A 52 -20.66 -6.51 1.14
CA GLU A 52 -21.96 -5.87 1.31
C GLU A 52 -22.24 -5.50 2.76
N LEU A 53 -21.60 -6.19 3.71
CA LEU A 53 -21.89 -5.92 5.11
C LEU A 53 -21.23 -4.62 5.56
N THR A 54 -19.91 -4.53 5.41
CA THR A 54 -19.15 -3.39 5.91
C THR A 54 -18.97 -2.28 4.86
N GLY A 55 -18.90 -2.63 3.58
CA GLY A 55 -18.60 -1.68 2.54
C GLY A 55 -17.16 -1.70 2.07
N ASP A 56 -16.30 -2.52 2.67
CA ASP A 56 -14.91 -2.58 2.28
C ASP A 56 -14.76 -3.06 0.83
N ILE A 57 -13.87 -2.41 0.08
CA ILE A 57 -13.59 -2.73 -1.30
C ILE A 57 -12.18 -3.30 -1.40
N HIS A 58 -12.02 -4.32 -2.24
CA HIS A 58 -10.73 -4.96 -2.45
C HIS A 58 -10.43 -5.08 -3.92
N ALA A 59 -9.15 -4.97 -4.27
CA ALA A 59 -8.69 -5.19 -5.63
C ALA A 59 -8.24 -6.64 -5.75
N THR A 60 -8.83 -7.36 -6.70
CA THR A 60 -8.61 -8.80 -6.84
C THR A 60 -7.47 -9.14 -7.80
N GLU A 61 -6.99 -8.18 -8.58
CA GLU A 61 -5.90 -8.44 -9.50
C GLU A 61 -4.96 -7.24 -9.50
N ARG A 62 -3.75 -7.48 -10.00
CA ARG A 62 -2.76 -6.42 -10.12
C ARG A 62 -3.24 -5.33 -11.06
N LEU A 63 -2.99 -4.08 -10.68
CA LEU A 63 -3.38 -2.93 -11.49
C LEU A 63 -2.15 -2.35 -12.19
N ASP A 64 -2.39 -1.75 -13.36
CA ASP A 64 -1.32 -1.19 -14.19
C ASP A 64 -1.72 0.23 -14.58
N ARG A 65 -0.98 1.23 -14.06
CA ARG A 65 -1.30 2.61 -14.37
C ARG A 65 -1.04 2.94 -15.83
N GLU A 66 0.00 2.33 -16.41
CA GLU A 66 0.30 2.52 -17.82
C GLU A 66 -0.76 1.89 -18.72
N GLN A 67 -1.64 1.06 -18.17
CA GLN A 67 -2.79 0.54 -18.90
C GLN A 67 -4.02 1.40 -18.65
N LYS A 68 -4.31 1.69 -17.39
CA LYS A 68 -5.46 2.49 -17.02
C LYS A 68 -5.14 3.25 -15.74
N THR A 69 -5.35 4.56 -15.75
CA THR A 69 -4.93 5.40 -14.64
C THR A 69 -5.98 5.55 -13.55
N PHE A 70 -7.26 5.43 -13.88
CA PHE A 70 -8.31 5.52 -12.88
C PHE A 70 -9.54 4.76 -13.36
N TYR A 71 -10.36 4.34 -12.39
CA TYR A 71 -11.59 3.60 -12.67
C TYR A 71 -12.76 4.40 -12.11
N THR A 72 -13.78 4.59 -12.93
CA THR A 72 -14.97 5.34 -12.54
C THR A 72 -16.08 4.37 -12.17
N LEU A 73 -16.57 4.46 -10.94
CA LEU A 73 -17.56 3.54 -10.42
C LEU A 73 -18.70 4.33 -9.78
N ARG A 74 -19.75 3.59 -9.40
CA ARG A 74 -20.89 4.16 -8.70
C ARG A 74 -21.14 3.32 -7.45
N ALA A 75 -21.56 3.98 -6.36
CA ALA A 75 -21.81 3.31 -5.09
C ALA A 75 -23.29 3.42 -4.75
N GLN A 76 -23.90 2.31 -4.34
CA GLN A 76 -25.30 2.27 -3.93
C GLN A 76 -25.41 1.72 -2.52
N ALA A 77 -26.35 2.26 -1.75
CA ALA A 77 -26.64 1.79 -0.40
C ALA A 77 -28.10 1.35 -0.36
N ARG A 78 -28.34 0.05 -0.44
CA ARG A 78 -29.68 -0.51 -0.44
C ARG A 78 -30.07 -0.95 0.97
N ASP A 79 -31.38 -1.12 1.16
CA ASP A 79 -31.91 -1.73 2.37
C ASP A 79 -31.96 -3.24 2.20
N ARG A 80 -31.44 -3.96 3.18
CA ARG A 80 -31.27 -5.40 3.07
C ARG A 80 -32.58 -6.13 2.84
N ALA A 81 -33.71 -5.55 3.25
CA ALA A 81 -35.01 -6.21 3.15
C ALA A 81 -35.85 -5.72 1.97
N THR A 82 -35.72 -4.45 1.58
CA THR A 82 -36.57 -3.87 0.56
C THR A 82 -35.84 -3.53 -0.73
N ASN A 83 -34.51 -3.54 -0.72
CA ASN A 83 -33.69 -3.24 -1.90
C ASN A 83 -33.96 -1.84 -2.46
N ARG A 84 -34.60 -0.97 -1.68
CA ARG A 84 -34.72 0.44 -2.05
C ARG A 84 -33.59 1.22 -1.38
N LEU A 85 -32.86 1.98 -2.18
CA LEU A 85 -31.67 2.66 -1.68
C LEU A 85 -32.06 3.82 -0.77
N LEU A 86 -31.19 4.09 0.21
CA LEU A 86 -31.38 5.19 1.14
C LEU A 86 -30.43 6.35 0.88
N GLU A 87 -29.54 6.23 -0.11
CA GLU A 87 -28.67 7.32 -0.52
C GLU A 87 -28.66 7.31 -2.03
N PRO A 88 -28.60 8.47 -2.68
CA PRO A 88 -28.48 8.48 -4.14
C PRO A 88 -27.15 7.85 -4.55
N GLU A 89 -27.21 7.05 -5.61
CA GLU A 89 -25.98 6.41 -6.10
C GLU A 89 -24.98 7.48 -6.53
N SER A 90 -23.80 7.43 -5.95
CA SER A 90 -22.81 8.49 -6.08
C SER A 90 -21.60 7.96 -6.84
N GLU A 91 -21.14 8.73 -7.81
CA GLU A 91 -19.92 8.38 -8.54
C GLU A 91 -18.71 8.52 -7.63
N PHE A 92 -17.78 7.58 -7.78
CA PHE A 92 -16.51 7.66 -7.07
C PHE A 92 -15.43 7.05 -7.94
N ILE A 93 -14.23 7.61 -7.86
CA ILE A 93 -13.12 7.23 -8.73
C ILE A 93 -12.07 6.51 -7.91
N ILE A 94 -11.49 5.46 -8.50
CA ILE A 94 -10.35 4.76 -7.91
C ILE A 94 -9.14 5.10 -8.78
N LYS A 95 -8.25 5.94 -8.27
CA LYS A 95 -7.05 6.35 -8.97
C LYS A 95 -5.90 5.46 -8.56
N VAL A 96 -5.25 4.82 -9.53
CA VAL A 96 -4.13 3.92 -9.27
C VAL A 96 -2.85 4.73 -9.35
N GLN A 97 -2.05 4.67 -8.28
CA GLN A 97 -0.86 5.49 -8.18
C GLN A 97 0.31 4.85 -8.92
N ASP A 98 1.28 5.69 -9.27
CA ASP A 98 2.39 5.31 -10.13
C ASP A 98 3.55 4.74 -9.33
N ILE A 99 4.23 3.76 -9.92
CA ILE A 99 5.52 3.30 -9.43
C ILE A 99 6.49 3.32 -10.61
N ASN A 100 7.78 3.42 -10.29
CA ASN A 100 8.83 3.47 -11.32
C ASN A 100 9.06 2.06 -11.85
N ASP A 101 8.21 1.66 -12.80
CA ASP A 101 8.32 0.34 -13.42
C ASP A 101 8.38 0.44 -14.95
N SER A 102 8.76 1.59 -15.50
CA SER A 102 8.90 1.77 -16.94
C SER A 102 10.30 2.28 -17.24
N GLU A 103 11.05 1.52 -18.04
CA GLU A 103 12.39 1.92 -18.41
C GLU A 103 12.35 3.10 -19.40
N PRO A 104 13.34 3.99 -19.36
CA PRO A 104 13.45 4.99 -20.42
C PRO A 104 13.75 4.34 -21.75
N ARG A 105 13.14 4.88 -22.81
CA ARG A 105 13.27 4.29 -24.14
C ARG A 105 13.42 5.39 -25.18
N PHE A 106 14.41 5.25 -26.05
CA PHE A 106 14.64 6.18 -27.16
C PHE A 106 13.75 5.75 -28.32
N LEU A 107 12.66 6.49 -28.55
CA LEU A 107 11.68 6.11 -29.57
C LEU A 107 11.88 6.82 -30.89
N HIS A 108 12.60 7.94 -30.92
CA HIS A 108 12.90 8.59 -32.18
C HIS A 108 14.30 8.24 -32.64
N GLY A 109 14.97 7.38 -31.89
CA GLY A 109 16.27 6.83 -32.23
C GLY A 109 16.14 5.66 -33.19
N PRO A 110 17.29 5.16 -33.67
CA PRO A 110 18.61 5.78 -33.53
C PRO A 110 18.91 6.67 -34.74
N TYR A 111 19.15 7.97 -34.52
CA TYR A 111 19.41 8.87 -35.63
C TYR A 111 20.85 9.37 -35.57
N ILE A 112 21.16 10.31 -36.46
CA ILE A 112 22.53 10.62 -36.87
C ILE A 112 22.69 12.13 -36.89
N GLY A 113 23.87 12.61 -36.50
CA GLY A 113 24.17 14.02 -36.53
C GLY A 113 25.54 14.27 -37.13
N SER A 114 25.93 15.53 -37.14
CA SER A 114 27.17 15.93 -37.78
C SER A 114 27.83 17.07 -37.01
N VAL A 115 29.15 17.17 -37.14
CA VAL A 115 29.91 18.23 -36.51
C VAL A 115 31.12 18.53 -37.39
N ALA A 116 31.46 19.82 -37.49
CA ALA A 116 32.58 20.23 -38.33
C ALA A 116 33.89 19.83 -37.68
N GLU A 117 34.85 19.42 -38.51
CA GLU A 117 36.14 19.01 -37.99
C GLU A 117 36.82 20.18 -37.28
N LEU A 118 37.70 19.84 -36.34
CA LEU A 118 38.46 20.83 -35.57
C LEU A 118 37.56 21.80 -34.82
N SER A 119 36.31 21.43 -34.53
CA SER A 119 35.42 22.31 -33.79
C SER A 119 35.94 22.47 -32.36
N PRO A 120 35.59 23.57 -31.70
CA PRO A 120 36.01 23.75 -30.31
C PRO A 120 35.40 22.69 -29.41
N THR A 121 36.04 22.48 -28.27
CA THR A 121 35.49 21.58 -27.26
C THR A 121 34.21 22.16 -26.70
N GLY A 122 33.16 21.34 -26.66
CA GLY A 122 31.86 21.78 -26.19
C GLY A 122 30.89 22.18 -27.28
N THR A 123 31.18 21.86 -28.54
CA THR A 123 30.33 22.27 -29.65
C THR A 123 29.07 21.40 -29.68
N SER A 124 27.91 22.04 -29.63
CA SER A 124 26.65 21.32 -29.70
C SER A 124 26.51 20.61 -31.04
N VAL A 125 26.28 19.29 -30.99
CA VAL A 125 26.11 18.49 -32.20
C VAL A 125 24.63 18.28 -32.48
N MET A 126 23.93 17.61 -31.57
CA MET A 126 22.51 17.34 -31.73
C MET A 126 21.91 17.08 -30.35
N GLN A 127 20.62 16.79 -30.33
CA GLN A 127 19.90 16.48 -29.09
C GLN A 127 19.19 15.14 -29.23
N VAL A 128 19.20 14.37 -28.14
CA VAL A 128 18.45 13.12 -28.04
C VAL A 128 17.51 13.24 -26.84
N MET A 129 16.30 12.71 -26.99
CA MET A 129 15.30 12.77 -25.93
C MET A 129 14.72 11.38 -25.71
N ALA A 130 14.99 10.80 -24.55
CA ALA A 130 14.34 9.57 -24.16
C ALA A 130 12.97 9.87 -23.57
N SER A 131 12.13 8.84 -23.52
CA SER A 131 10.79 8.94 -22.96
C SER A 131 10.60 7.92 -21.86
N ASP A 132 9.73 8.25 -20.91
CA ASP A 132 9.47 7.40 -19.75
C ASP A 132 7.97 7.34 -19.54
N ALA A 133 7.41 6.14 -19.59
CA ALA A 133 5.96 5.98 -19.51
C ALA A 133 5.41 6.20 -18.11
N ASP A 134 6.26 6.42 -17.11
CA ASP A 134 5.80 6.62 -15.75
C ASP A 134 5.21 8.02 -15.60
N ASP A 135 4.78 8.34 -14.37
CA ASP A 135 4.11 9.61 -14.09
C ASP A 135 5.14 10.72 -13.92
N PRO A 136 5.16 11.73 -14.81
CA PRO A 136 6.09 12.85 -14.61
C PRO A 136 5.65 13.82 -13.54
N THR A 137 4.36 13.85 -13.20
CA THR A 137 3.84 14.78 -12.21
C THR A 137 3.95 14.27 -10.78
N TYR A 138 4.52 13.09 -10.56
CA TYR A 138 4.62 12.51 -9.23
C TYR A 138 5.95 11.78 -9.11
N GLY A 139 6.82 12.27 -8.25
CA GLY A 139 8.12 11.65 -8.06
C GLY A 139 9.04 11.86 -9.25
N SER A 140 10.25 11.35 -9.10
CA SER A 140 11.24 11.37 -10.17
C SER A 140 11.17 10.13 -11.05
N SER A 141 10.03 9.44 -11.05
CA SER A 141 9.90 8.21 -11.82
C SER A 141 10.08 8.44 -13.32
N ALA A 142 9.90 9.69 -13.79
CA ALA A 142 10.05 10.01 -15.19
C ALA A 142 11.03 11.15 -15.43
N ARG A 143 11.80 11.56 -14.42
CA ARG A 143 12.80 12.60 -14.57
C ARG A 143 14.12 11.94 -14.93
N LEU A 144 14.60 12.17 -16.15
CA LEU A 144 15.70 11.41 -16.73
C LEU A 144 17.02 12.17 -16.64
N VAL A 145 18.10 11.41 -16.71
CA VAL A 145 19.46 11.94 -16.70
C VAL A 145 20.24 11.21 -17.78
N TYR A 146 20.77 11.97 -18.73
CA TYR A 146 21.52 11.40 -19.85
C TYR A 146 22.99 11.32 -19.50
N SER A 147 23.68 10.34 -20.07
CA SER A 147 25.07 10.08 -19.74
C SER A 147 25.72 9.29 -20.87
N VAL A 148 27.04 9.21 -20.82
CA VAL A 148 27.80 8.40 -21.76
C VAL A 148 28.38 7.21 -21.01
N LEU A 149 28.90 6.25 -21.76
CA LEU A 149 29.59 5.10 -21.18
C LEU A 149 30.98 5.50 -20.70
N ASP A 150 31.50 4.73 -19.76
CA ASP A 150 32.86 4.93 -19.32
C ASP A 150 33.81 4.68 -20.49
N GLY A 151 34.90 5.42 -20.52
CA GLY A 151 35.84 5.28 -21.62
C GLY A 151 35.29 5.79 -22.93
N GLU A 152 34.53 6.88 -22.89
CA GLU A 152 34.02 7.57 -24.09
C GLU A 152 34.52 8.99 -23.93
N HIS A 153 35.66 9.27 -24.55
CA HIS A 153 36.37 10.52 -24.35
C HIS A 153 36.50 11.28 -25.66
N HIS A 154 35.45 11.20 -26.48
CA HIS A 154 35.33 11.99 -27.69
C HIS A 154 34.16 12.96 -27.63
N PHE A 155 33.05 12.54 -27.03
CA PHE A 155 31.88 13.38 -26.86
C PHE A 155 31.33 13.24 -25.45
N THR A 156 30.60 14.26 -25.03
CA THR A 156 29.86 14.26 -23.78
C THR A 156 28.39 14.52 -24.09
N VAL A 157 27.56 14.48 -23.04
CA VAL A 157 26.14 14.75 -23.17
C VAL A 157 25.70 15.51 -21.93
N ASP A 158 24.97 16.60 -22.13
CA ASP A 158 24.43 17.33 -21.00
C ASP A 158 23.49 16.42 -20.21
N PRO A 159 23.61 16.36 -18.87
CA PRO A 159 22.83 15.38 -18.11
C PRO A 159 21.34 15.67 -18.10
N LYS A 160 20.91 16.88 -18.43
CA LYS A 160 19.53 17.30 -18.27
C LYS A 160 18.83 17.58 -19.59
N THR A 161 19.53 18.12 -20.57
CA THR A 161 18.99 18.36 -21.90
C THR A 161 19.28 17.24 -22.87
N GLY A 162 20.35 16.50 -22.67
CA GLY A 162 20.70 15.41 -23.56
C GLY A 162 21.26 15.84 -24.89
N VAL A 163 21.84 17.03 -24.98
CA VAL A 163 22.50 17.48 -26.20
C VAL A 163 23.95 17.02 -26.15
N ILE A 164 24.38 16.33 -27.20
CA ILE A 164 25.74 15.84 -27.28
C ILE A 164 26.67 16.99 -27.65
N ARG A 165 27.88 16.95 -27.12
CA ARG A 165 28.89 17.96 -27.40
C ARG A 165 30.25 17.30 -27.58
N THR A 166 31.06 17.88 -28.44
CA THR A 166 32.44 17.42 -28.56
C THR A 166 33.15 17.58 -27.24
N ALA A 167 33.96 16.58 -26.89
CA ALA A 167 34.79 16.63 -25.70
C ALA A 167 36.24 16.93 -26.03
N VAL A 168 36.59 16.97 -27.31
CA VAL A 168 37.95 17.26 -27.75
C VAL A 168 37.91 18.20 -28.93
N PRO A 169 38.93 19.05 -29.06
CA PRO A 169 38.97 19.99 -30.19
C PRO A 169 39.65 19.43 -31.42
N ASP A 170 40.39 18.32 -31.30
CA ASP A 170 41.20 17.78 -32.38
C ASP A 170 40.47 16.64 -33.10
N LEU A 171 39.37 17.00 -33.75
CA LEU A 171 38.59 16.06 -34.55
C LEU A 171 38.95 16.28 -36.01
N ASP A 172 39.96 15.55 -36.48
CA ASP A 172 40.40 15.60 -37.87
C ASP A 172 39.63 14.56 -38.67
N ARG A 173 38.85 15.01 -39.65
CA ARG A 173 38.05 14.10 -40.46
C ARG A 173 38.92 13.03 -41.12
N GLU A 174 40.09 13.43 -41.64
CA GLU A 174 40.97 12.47 -42.29
C GLU A 174 41.40 11.37 -41.32
N SER A 175 41.59 11.71 -40.04
CA SER A 175 42.02 10.72 -39.07
C SER A 175 40.90 9.72 -38.75
N GLN A 176 39.69 10.23 -38.54
CA GLN A 176 38.54 9.37 -38.29
C GLN A 176 37.28 10.15 -38.63
N GLU A 177 36.50 9.64 -39.57
CA GLU A 177 35.34 10.37 -40.08
C GLU A 177 34.04 10.06 -39.37
N ARG A 178 33.97 8.92 -38.68
CA ARG A 178 32.70 8.44 -38.14
C ARG A 178 32.89 7.92 -36.73
N TYR A 179 31.95 8.28 -35.85
CA TYR A 179 31.94 7.82 -34.47
C TYR A 179 30.59 7.25 -34.12
N GLU A 180 30.59 6.15 -33.39
CA GLU A 180 29.39 5.53 -32.86
C GLU A 180 29.40 5.75 -31.36
N VAL A 181 28.57 6.66 -30.88
CA VAL A 181 28.51 7.02 -29.47
C VAL A 181 27.21 6.48 -28.90
N VAL A 182 27.28 5.94 -27.70
CA VAL A 182 26.12 5.42 -26.99
C VAL A 182 25.69 6.44 -25.94
N ILE A 183 24.39 6.68 -25.87
CA ILE A 183 23.80 7.59 -24.88
C ILE A 183 22.87 6.77 -24.01
N GLN A 184 22.84 7.09 -22.72
CA GLN A 184 22.05 6.34 -21.75
C GLN A 184 21.20 7.31 -20.95
N ALA A 185 19.90 7.05 -20.89
CA ALA A 185 18.97 7.82 -20.07
C ALA A 185 18.58 7.01 -18.85
N THR A 186 18.64 7.63 -17.68
CA THR A 186 18.34 6.97 -16.42
C THR A 186 17.37 7.82 -15.64
N ASP A 187 16.29 7.21 -15.17
CA ASP A 187 15.26 7.94 -14.42
C ASP A 187 15.68 8.04 -12.95
N MET A 188 14.74 8.40 -12.08
CA MET A 188 15.02 8.68 -10.67
C MET A 188 16.09 9.75 -10.49
N ALA A 189 16.28 10.60 -11.50
CA ALA A 189 17.28 11.66 -11.46
C ALA A 189 18.69 11.09 -11.27
N GLY A 190 18.91 9.87 -11.76
CA GLY A 190 20.22 9.25 -11.72
C GLY A 190 20.56 8.50 -10.45
N GLN A 191 19.77 8.63 -9.39
CA GLN A 191 20.07 7.91 -8.15
C GLN A 191 20.02 6.40 -8.38
N LEU A 192 20.80 5.67 -7.59
CA LEU A 192 20.81 4.22 -7.70
C LEU A 192 19.39 3.69 -7.57
N GLY A 193 19.14 2.57 -8.24
CA GLY A 193 17.81 2.03 -8.37
C GLY A 193 17.04 2.57 -9.55
N GLY A 194 17.57 3.57 -10.24
CA GLY A 194 16.90 4.13 -11.40
C GLY A 194 17.04 3.21 -12.61
N LEU A 195 15.95 3.08 -13.35
CA LEU A 195 15.94 2.29 -14.56
C LEU A 195 16.65 3.04 -15.69
N SER A 196 17.08 2.29 -16.71
CA SER A 196 17.94 2.85 -17.74
C SER A 196 17.58 2.28 -19.11
N GLY A 197 17.72 3.13 -20.13
CA GLY A 197 17.72 2.70 -21.50
C GLY A 197 18.89 3.33 -22.24
N SER A 198 19.15 2.84 -23.45
CA SER A 198 20.29 3.32 -24.21
C SER A 198 20.00 3.27 -25.70
N THR A 199 20.76 4.06 -26.45
CA THR A 199 20.68 4.08 -27.91
C THR A 199 22.07 4.34 -28.47
N THR A 200 22.27 3.92 -29.71
CA THR A 200 23.54 4.11 -30.40
C THR A 200 23.39 5.25 -31.39
N VAL A 201 24.12 6.34 -31.18
CA VAL A 201 24.10 7.51 -32.03
C VAL A 201 25.36 7.51 -32.88
N THR A 202 25.18 7.58 -34.20
CA THR A 202 26.30 7.69 -35.11
C THR A 202 26.55 9.17 -35.39
N ILE A 203 27.75 9.63 -35.07
CA ILE A 203 28.17 11.00 -35.33
C ILE A 203 29.25 10.97 -36.40
N VAL A 204 29.19 11.93 -37.31
CA VAL A 204 30.03 11.96 -38.50
C VAL A 204 30.67 13.33 -38.61
N VAL A 205 31.96 13.36 -38.92
CA VAL A 205 32.72 14.60 -38.98
C VAL A 205 32.60 15.16 -40.39
N THR A 206 32.18 16.42 -40.50
CA THR A 206 32.00 17.08 -41.78
C THR A 206 33.09 18.13 -41.99
N ASP A 207 33.07 18.76 -43.16
CA ASP A 207 33.99 19.83 -43.48
C ASP A 207 33.36 21.18 -43.19
N GLY B 1 -25.81 10.98 4.28
CA GLY B 1 -25.10 11.01 2.98
C GLY B 1 -23.89 10.10 2.94
N TRP B 2 -23.25 10.00 1.78
CA TRP B 2 -22.05 9.20 1.65
C TRP B 2 -20.89 9.85 2.39
N VAL B 3 -20.05 9.03 3.00
CA VAL B 3 -18.85 9.48 3.68
C VAL B 3 -17.66 9.28 2.74
N TRP B 4 -17.04 10.38 2.32
CA TRP B 4 -15.90 10.35 1.42
C TRP B 4 -14.65 11.00 1.96
N ASN B 5 -14.77 11.97 2.87
CA ASN B 5 -13.63 12.75 3.35
C ASN B 5 -12.71 11.91 4.21
N GLN B 6 -11.98 10.98 3.60
CA GLN B 6 -11.15 10.06 4.36
C GLN B 6 -9.97 9.60 3.51
N PHE B 7 -8.91 9.17 4.19
CA PHE B 7 -7.78 8.51 3.58
C PHE B 7 -7.41 7.29 4.40
N PHE B 8 -6.84 6.29 3.74
CA PHE B 8 -6.49 5.03 4.37
C PHE B 8 -4.98 4.81 4.30
N VAL B 9 -4.41 4.39 5.42
CA VAL B 9 -2.97 4.21 5.57
C VAL B 9 -2.70 2.91 6.29
N VAL B 10 -1.84 2.06 5.73
CA VAL B 10 -1.47 0.82 6.40
C VAL B 10 -0.55 1.14 7.57
N GLU B 11 -0.72 0.40 8.66
CA GLU B 11 0.13 0.57 9.82
C GLU B 11 1.45 -0.17 9.62
N GLU B 12 2.42 0.14 10.47
CA GLU B 12 3.71 -0.56 10.50
C GLU B 12 4.28 -0.66 9.08
N TYR B 13 4.37 0.48 8.41
CA TYR B 13 4.88 0.53 7.04
C TYR B 13 6.38 0.27 7.01
N THR B 14 6.81 -0.57 6.06
CA THR B 14 8.16 -1.09 6.06
C THR B 14 9.11 -0.37 5.11
N GLY B 15 8.60 0.38 4.14
CA GLY B 15 9.47 1.01 3.17
C GLY B 15 10.23 2.19 3.73
N THR B 16 11.23 2.63 2.97
CA THR B 16 12.04 3.79 3.33
C THR B 16 11.39 5.09 2.85
N GLU B 17 11.01 5.14 1.59
CA GLU B 17 10.39 6.34 1.04
C GLU B 17 9.04 6.59 1.72
N PRO B 18 8.73 7.84 2.06
CA PRO B 18 7.46 8.12 2.75
C PRO B 18 6.28 7.43 2.07
N LEU B 19 5.26 7.15 2.87
CA LEU B 19 4.07 6.46 2.38
C LEU B 19 3.06 7.47 1.87
N TYR B 20 2.45 7.15 0.74
CA TYR B 20 1.51 8.05 0.09
C TYR B 20 0.13 7.90 0.73
N VAL B 21 -0.35 8.96 1.38
CA VAL B 21 -1.66 8.91 2.02
C VAL B 21 -2.77 9.21 1.03
N GLY B 22 -2.58 10.23 0.19
CA GLY B 22 -3.61 10.60 -0.77
C GLY B 22 -3.34 12.00 -1.30
N LYS B 23 -4.43 12.71 -1.60
CA LYS B 23 -4.33 14.03 -2.21
C LYS B 23 -5.61 14.80 -1.93
N ILE B 24 -5.50 15.90 -1.21
CA ILE B 24 -6.60 16.85 -1.10
C ILE B 24 -6.56 17.76 -2.31
N HIS B 25 -7.74 18.17 -2.77
CA HIS B 25 -7.82 18.89 -4.04
C HIS B 25 -9.13 19.66 -4.09
N SER B 26 -9.08 20.81 -4.76
CA SER B 26 -10.23 21.67 -4.96
C SER B 26 -10.60 21.66 -6.43
N ASP B 27 -11.88 21.43 -6.73
CA ASP B 27 -12.33 21.46 -8.11
C ASP B 27 -12.14 22.82 -8.75
N SER B 28 -11.79 23.85 -7.97
CA SER B 28 -11.38 25.13 -8.53
C SER B 28 -9.94 25.13 -9.04
N ASP B 29 -9.16 24.10 -8.73
CA ASP B 29 -7.76 24.06 -9.15
C ASP B 29 -7.67 23.75 -10.63
N GLU B 30 -7.31 24.75 -11.43
CA GLU B 30 -7.16 24.60 -12.87
C GLU B 30 -5.80 24.03 -13.26
N GLY B 31 -4.93 23.74 -12.29
CA GLY B 31 -3.66 23.12 -12.59
C GLY B 31 -2.58 24.08 -13.06
N ASP B 32 -2.53 25.28 -12.47
CA ASP B 32 -1.55 26.29 -12.85
C ASP B 32 -0.60 26.67 -11.71
N GLY B 33 -0.89 26.28 -10.48
CA GLY B 33 -0.04 26.58 -9.36
C GLY B 33 -0.47 27.77 -8.53
N THR B 34 -1.64 28.32 -8.77
CA THR B 34 -2.15 29.46 -8.00
C THR B 34 -2.80 29.07 -6.67
N ILE B 35 -2.82 27.79 -6.33
CA ILE B 35 -3.46 27.31 -5.10
C ILE B 35 -2.40 26.73 -4.18
N LYS B 36 -2.55 27.02 -2.88
CA LYS B 36 -1.65 26.56 -1.84
C LYS B 36 -2.44 25.68 -0.87
N TYR B 37 -2.17 24.38 -0.90
CA TYR B 37 -2.85 23.44 -0.02
C TYR B 37 -2.07 23.30 1.28
N THR B 38 -2.79 23.44 2.41
CA THR B 38 -2.18 23.33 3.73
C THR B 38 -3.09 22.50 4.62
N ILE B 39 -2.47 21.75 5.54
CA ILE B 39 -3.20 20.87 6.43
C ILE B 39 -2.91 21.27 7.88
N SER B 40 -3.70 20.74 8.79
CA SER B 40 -3.55 21.01 10.22
C SER B 40 -4.25 19.90 10.99
N GLY B 41 -4.01 19.88 12.30
CA GLY B 41 -4.63 18.89 13.16
C GLY B 41 -3.68 17.80 13.63
N GLU B 42 -4.22 16.62 13.90
CA GLU B 42 -3.43 15.54 14.47
C GLU B 42 -2.36 15.07 13.50
N GLY B 43 -1.11 15.07 13.94
CA GLY B 43 0.00 14.67 13.11
C GLY B 43 0.38 15.62 12.00
N ALA B 44 -0.27 16.79 11.93
CA ALA B 44 0.05 17.75 10.89
C ALA B 44 1.44 18.33 11.12
N GLY B 45 2.24 18.36 10.05
CA GLY B 45 3.58 18.89 10.15
C GLY B 45 4.56 18.03 10.92
N THR B 46 4.16 16.82 11.28
CA THR B 46 5.01 15.93 12.05
C THR B 46 4.95 14.52 11.46
N ILE B 47 3.76 13.92 11.49
CA ILE B 47 3.55 12.60 10.90
C ILE B 47 3.24 12.72 9.42
N PHE B 48 2.36 13.65 9.05
CA PHE B 48 1.91 13.82 7.68
C PHE B 48 2.41 15.15 7.13
N LEU B 49 3.03 15.11 5.96
CA LEU B 49 3.51 16.29 5.27
C LEU B 49 2.82 16.39 3.92
N ILE B 50 2.52 17.61 3.49
CA ILE B 50 1.76 17.85 2.27
C ILE B 50 2.58 18.71 1.33
N ASP B 51 2.38 18.48 0.03
CA ASP B 51 2.99 19.29 -1.02
C ASP B 51 2.03 20.43 -1.34
N GLU B 52 2.39 21.65 -0.89
CA GLU B 52 1.48 22.79 -0.97
C GLU B 52 1.03 23.11 -2.39
N LEU B 53 1.70 22.57 -3.41
CA LEU B 53 1.32 22.79 -4.80
C LEU B 53 0.41 21.69 -5.34
N THR B 54 0.81 20.44 -5.19
CA THR B 54 0.09 19.32 -5.78
C THR B 54 -1.06 18.84 -4.90
N GLY B 55 -0.91 18.93 -3.59
CA GLY B 55 -1.89 18.41 -2.65
C GLY B 55 -1.55 17.04 -2.11
N ASP B 56 -0.50 16.41 -2.64
CA ASP B 56 -0.12 15.08 -2.19
C ASP B 56 0.27 15.10 -0.71
N ILE B 57 -0.23 14.12 0.03
CA ILE B 57 0.10 13.96 1.44
C ILE B 57 0.89 12.68 1.61
N HIS B 58 1.91 12.71 2.46
CA HIS B 58 2.76 11.56 2.72
C HIS B 58 2.91 11.37 4.22
N ALA B 59 3.02 10.11 4.63
CA ALA B 59 3.27 9.77 6.03
C ALA B 59 4.78 9.58 6.21
N THR B 60 5.36 10.32 7.15
CA THR B 60 6.81 10.33 7.31
C THR B 60 7.31 9.34 8.37
N GLU B 61 6.42 8.85 9.23
CA GLU B 61 6.79 7.86 10.23
C GLU B 61 5.66 6.86 10.37
N ARG B 62 6.02 5.63 10.75
CA ARG B 62 5.06 4.54 10.73
C ARG B 62 3.98 4.73 11.77
N LEU B 63 2.87 4.03 11.56
CA LEU B 63 1.67 4.14 12.38
C LEU B 63 1.34 2.80 13.00
N ASP B 64 0.68 2.86 14.16
CA ASP B 64 0.31 1.66 14.92
C ASP B 64 -1.18 1.75 15.25
N ARG B 65 -1.97 0.84 14.68
CA ARG B 65 -3.41 0.86 14.92
C ARG B 65 -3.74 0.55 16.37
N GLU B 66 -2.95 -0.31 17.02
CA GLU B 66 -3.17 -0.62 18.42
C GLU B 66 -2.87 0.56 19.34
N GLN B 67 -2.19 1.60 18.85
CA GLN B 67 -1.98 2.83 19.59
C GLN B 67 -3.01 3.90 19.23
N LYS B 68 -3.25 4.12 17.94
CA LYS B 68 -4.20 5.12 17.48
C LYS B 68 -4.81 4.65 16.17
N THR B 69 -6.15 4.63 16.11
CA THR B 69 -6.87 4.07 14.98
C THR B 69 -7.20 5.09 13.89
N PHE B 70 -7.27 6.38 14.23
CA PHE B 70 -7.58 7.38 13.23
C PHE B 70 -6.99 8.72 13.63
N TYR B 71 -6.72 9.56 12.63
CA TYR B 71 -6.21 10.91 12.82
C TYR B 71 -7.17 11.89 12.17
N THR B 72 -7.56 12.93 12.94
CA THR B 72 -8.47 13.95 12.48
C THR B 72 -7.69 15.20 12.10
N LEU B 73 -7.84 15.65 10.86
CA LEU B 73 -7.13 16.81 10.34
C LEU B 73 -8.10 17.76 9.67
N ARG B 74 -7.61 18.94 9.33
CA ARG B 74 -8.34 19.92 8.56
C ARG B 74 -7.50 20.39 7.37
N ALA B 75 -8.16 20.65 6.25
CA ALA B 75 -7.52 21.04 5.02
C ALA B 75 -7.93 22.46 4.64
N GLN B 76 -6.95 23.26 4.22
CA GLN B 76 -7.19 24.62 3.76
C GLN B 76 -6.67 24.77 2.33
N ALA B 77 -7.39 25.55 1.53
CA ALA B 77 -7.00 25.85 0.16
C ALA B 77 -6.84 27.36 0.04
N ARG B 78 -5.60 27.81 0.05
CA ARG B 78 -5.28 29.23 -0.03
C ARG B 78 -4.98 29.62 -1.48
N ASP B 79 -5.05 30.92 -1.74
CA ASP B 79 -4.54 31.48 -2.98
C ASP B 79 -3.07 31.83 -2.78
N ARG B 80 -2.21 31.29 -3.65
CA ARG B 80 -0.77 31.40 -3.41
C ARG B 80 -0.32 32.85 -3.36
N ALA B 81 -1.03 33.76 -4.04
CA ALA B 81 -0.64 35.16 -4.06
C ALA B 81 -1.16 35.95 -2.87
N THR B 82 -2.35 35.60 -2.36
CA THR B 82 -2.99 36.35 -1.28
C THR B 82 -3.14 35.55 0.01
N ASN B 83 -2.94 34.24 -0.01
CA ASN B 83 -3.08 33.39 1.18
C ASN B 83 -4.47 33.48 1.79
N ARG B 84 -5.48 33.84 1.01
CA ARG B 84 -6.86 33.84 1.46
C ARG B 84 -7.56 32.58 0.97
N LEU B 85 -8.59 32.17 1.72
CA LEU B 85 -9.21 30.87 1.47
C LEU B 85 -10.03 30.89 0.19
N LEU B 86 -9.99 29.77 -0.53
CA LEU B 86 -10.86 29.53 -1.66
C LEU B 86 -11.82 28.38 -1.43
N GLU B 87 -11.66 27.65 -0.32
CA GLU B 87 -12.55 26.57 0.09
C GLU B 87 -12.69 26.60 1.60
N PRO B 88 -13.84 26.21 2.12
CA PRO B 88 -13.98 26.14 3.58
C PRO B 88 -13.01 25.14 4.18
N GLU B 89 -12.43 25.51 5.32
CA GLU B 89 -11.56 24.59 6.03
C GLU B 89 -12.37 23.35 6.41
N SER B 90 -11.99 22.20 5.89
CA SER B 90 -12.80 20.99 5.98
C SER B 90 -12.07 19.93 6.77
N GLU B 91 -12.78 19.31 7.73
CA GLU B 91 -12.23 18.19 8.47
C GLU B 91 -12.14 16.96 7.58
N PHE B 92 -11.06 16.20 7.74
CA PHE B 92 -10.90 14.93 7.05
C PHE B 92 -10.11 13.99 7.93
N ILE B 93 -10.42 12.71 7.85
CA ILE B 93 -9.87 11.69 8.74
C ILE B 93 -8.93 10.78 7.95
N ILE B 94 -7.82 10.42 8.58
CA ILE B 94 -6.88 9.44 8.03
C ILE B 94 -7.05 8.17 8.86
N LYS B 95 -7.60 7.14 8.23
CA LYS B 95 -7.88 5.88 8.90
C LYS B 95 -6.68 4.96 8.71
N VAL B 96 -6.11 4.47 9.80
CA VAL B 96 -4.96 3.57 9.72
C VAL B 96 -5.48 2.14 9.72
N GLN B 97 -5.04 1.35 8.76
CA GLN B 97 -5.59 0.04 8.50
C GLN B 97 -4.85 -1.03 9.29
N ASP B 98 -5.59 -2.07 9.68
CA ASP B 98 -5.04 -3.13 10.51
C ASP B 98 -4.22 -4.11 9.69
N ILE B 99 -3.14 -4.61 10.30
CA ILE B 99 -2.40 -5.76 9.81
C ILE B 99 -2.23 -6.75 10.96
N ASN B 100 -2.04 -8.01 10.59
CA ASN B 100 -1.89 -9.08 11.58
C ASN B 100 -0.47 -9.03 12.14
N ASP B 101 -0.29 -8.15 13.14
CA ASP B 101 1.00 -7.98 13.80
C ASP B 101 0.88 -8.12 15.31
N SER B 102 -0.17 -8.78 15.79
CA SER B 102 -0.37 -9.03 17.22
C SER B 102 -0.54 -10.52 17.44
N GLU B 103 0.36 -11.11 18.23
CA GLU B 103 0.29 -12.54 18.47
C GLU B 103 -0.78 -12.87 19.51
N PRO B 104 -1.37 -14.06 19.45
CA PRO B 104 -2.28 -14.49 20.52
C PRO B 104 -1.53 -14.62 21.84
N ARG B 105 -2.18 -14.22 22.92
CA ARG B 105 -1.54 -14.19 24.23
C ARG B 105 -2.50 -14.67 25.30
N PHE B 106 -2.05 -15.66 26.08
CA PHE B 106 -2.79 -16.15 27.24
C PHE B 106 -2.39 -15.26 28.42
N LEU B 107 -3.29 -14.35 28.79
CA LEU B 107 -2.99 -13.34 29.80
C LEU B 107 -3.50 -13.69 31.19
N HIS B 108 -4.36 -14.70 31.32
CA HIS B 108 -4.97 -15.09 32.58
C HIS B 108 -4.32 -16.32 33.24
N GLY B 109 -3.09 -16.66 32.89
CA GLY B 109 -2.42 -17.75 33.58
C GLY B 109 -1.93 -17.35 34.97
N PRO B 110 -1.49 -18.32 35.78
CA PRO B 110 -1.36 -19.75 35.47
C PRO B 110 -2.69 -20.47 35.34
N TYR B 111 -2.83 -21.26 34.27
CA TYR B 111 -4.06 -21.99 34.00
C TYR B 111 -3.96 -23.36 34.65
N ILE B 112 -4.79 -23.60 35.67
CA ILE B 112 -4.83 -24.88 36.35
C ILE B 112 -6.28 -25.29 36.53
N GLY B 113 -6.57 -26.58 36.29
CA GLY B 113 -7.90 -27.12 36.46
C GLY B 113 -7.85 -28.49 37.13
N SER B 114 -9.02 -29.11 37.24
CA SER B 114 -9.14 -30.41 37.88
C SER B 114 -10.26 -31.20 37.20
N VAL B 115 -10.13 -32.52 37.25
CA VAL B 115 -11.12 -33.42 36.66
C VAL B 115 -11.14 -34.72 37.47
N ALA B 116 -12.32 -35.30 37.64
CA ALA B 116 -12.46 -36.52 38.43
C ALA B 116 -11.86 -37.71 37.69
N GLU B 117 -11.21 -38.59 38.46
CA GLU B 117 -10.61 -39.79 37.89
C GLU B 117 -11.67 -40.68 37.28
N LEU B 118 -11.23 -41.53 36.34
CA LEU B 118 -12.10 -42.49 35.68
C LEU B 118 -13.27 -41.83 34.97
N SER B 119 -13.15 -40.54 34.65
CA SER B 119 -14.21 -39.82 33.97
C SER B 119 -14.37 -40.32 32.54
N PRO B 120 -15.56 -40.14 31.96
CA PRO B 120 -15.76 -40.52 30.56
C PRO B 120 -14.92 -39.67 29.62
N THR B 121 -14.68 -40.21 28.42
CA THR B 121 -13.99 -39.46 27.38
C THR B 121 -14.85 -38.30 26.92
N GLY B 122 -14.24 -37.11 26.88
CA GLY B 122 -14.95 -35.91 26.49
C GLY B 122 -15.41 -35.03 27.63
N THR B 123 -14.93 -35.26 28.84
CA THR B 123 -15.37 -34.49 30.01
C THR B 123 -14.72 -33.11 30.00
N SER B 124 -15.55 -32.08 30.07
CA SER B 124 -15.04 -30.71 30.14
C SER B 124 -14.20 -30.54 31.40
N VAL B 125 -12.96 -30.11 31.22
CA VAL B 125 -12.03 -29.91 32.33
C VAL B 125 -12.02 -28.44 32.71
N MET B 126 -11.57 -27.60 31.79
CA MET B 126 -11.51 -26.16 31.98
C MET B 126 -11.51 -25.50 30.62
N GLN B 127 -11.48 -24.17 30.60
CA GLN B 127 -11.43 -23.41 29.37
C GLN B 127 -10.32 -22.39 29.44
N VAL B 128 -9.65 -22.16 28.32
CA VAL B 128 -8.63 -21.13 28.18
C VAL B 128 -9.06 -20.19 27.06
N MET B 129 -8.80 -18.89 27.25
CA MET B 129 -9.15 -17.87 26.28
C MET B 129 -7.92 -17.02 26.00
N ALA B 130 -7.37 -17.15 24.80
CA ALA B 130 -6.32 -16.25 24.36
C ALA B 130 -6.94 -14.97 23.80
N SER B 131 -6.12 -13.93 23.73
CA SER B 131 -6.54 -12.63 23.23
C SER B 131 -5.64 -12.22 22.07
N ASP B 132 -6.21 -11.44 21.15
CA ASP B 132 -5.47 -10.95 19.98
C ASP B 132 -5.79 -9.48 19.79
N ALA B 133 -4.76 -8.64 19.85
CA ALA B 133 -4.95 -7.19 19.82
C ALA B 133 -5.30 -6.66 18.43
N ASP B 134 -5.30 -7.51 17.40
CA ASP B 134 -5.59 -7.02 16.05
C ASP B 134 -7.09 -6.74 15.89
N ASP B 135 -7.46 -6.32 14.68
CA ASP B 135 -8.83 -5.92 14.37
C ASP B 135 -9.68 -7.16 14.13
N PRO B 136 -10.66 -7.45 15.00
CA PRO B 136 -11.54 -8.60 14.75
C PRO B 136 -12.61 -8.32 13.69
N THR B 137 -12.90 -7.05 13.41
CA THR B 137 -13.96 -6.69 12.48
C THR B 137 -13.49 -6.68 11.03
N TYR B 138 -12.22 -6.98 10.77
CA TYR B 138 -11.69 -6.95 9.41
C TYR B 138 -10.64 -8.05 9.27
N GLY B 139 -10.92 -9.04 8.42
CA GLY B 139 -10.01 -10.13 8.20
C GLY B 139 -9.95 -11.09 9.38
N SER B 140 -9.17 -12.15 9.19
CA SER B 140 -8.96 -13.16 10.21
C SER B 140 -7.75 -12.87 11.09
N SER B 141 -7.30 -11.62 11.15
CA SER B 141 -6.12 -11.29 11.94
C SER B 141 -6.32 -11.58 13.42
N ALA B 142 -7.57 -11.67 13.89
CA ALA B 142 -7.86 -11.94 15.29
C ALA B 142 -8.78 -13.14 15.48
N ARG B 143 -9.00 -13.95 14.45
CA ARG B 143 -9.82 -15.15 14.57
C ARG B 143 -8.90 -16.32 14.92
N LEU B 144 -9.04 -16.85 16.12
CA LEU B 144 -8.10 -17.79 16.70
C LEU B 144 -8.63 -19.23 16.62
N VAL B 145 -7.69 -20.17 16.64
CA VAL B 145 -7.99 -21.60 16.65
C VAL B 145 -7.06 -22.25 17.67
N TYR B 146 -7.63 -22.90 18.68
CA TYR B 146 -6.86 -23.53 19.74
C TYR B 146 -6.53 -24.98 19.37
N SER B 147 -5.41 -25.46 19.89
CA SER B 147 -4.94 -26.79 19.53
C SER B 147 -3.95 -27.30 20.58
N VAL B 148 -3.70 -28.60 20.53
CA VAL B 148 -2.68 -29.25 21.35
C VAL B 148 -1.55 -29.73 20.44
N LEU B 149 -0.48 -30.20 21.06
CA LEU B 149 0.62 -30.78 20.31
C LEU B 149 0.23 -32.16 19.80
N ASP B 150 0.92 -32.59 18.73
CA ASP B 150 0.66 -33.92 18.16
C ASP B 150 0.99 -35.03 19.15
N GLY B 151 2.01 -34.85 19.98
CA GLY B 151 2.41 -35.86 20.94
C GLY B 151 1.71 -35.72 22.27
N GLU B 152 0.42 -35.36 22.24
CA GLU B 152 -0.40 -35.21 23.44
C GLU B 152 -1.66 -36.06 23.29
N HIS B 153 -1.66 -37.26 23.89
CA HIS B 153 -2.75 -38.22 23.74
C HIS B 153 -3.42 -38.52 25.08
N HIS B 154 -3.56 -37.49 25.91
CA HIS B 154 -4.38 -37.57 27.13
C HIS B 154 -5.59 -36.65 27.09
N PHE B 155 -5.47 -35.46 26.50
CA PHE B 155 -6.57 -34.52 26.42
C PHE B 155 -6.65 -33.95 25.01
N THR B 156 -7.83 -33.45 24.65
CA THR B 156 -8.06 -32.73 23.41
C THR B 156 -8.56 -31.32 23.76
N VAL B 157 -8.73 -30.50 22.72
CA VAL B 157 -9.21 -29.13 22.89
C VAL B 157 -10.12 -28.78 21.72
N ASP B 158 -11.28 -28.20 22.03
CA ASP B 158 -12.16 -27.71 20.98
C ASP B 158 -11.44 -26.63 20.19
N PRO B 159 -11.56 -26.64 18.85
CA PRO B 159 -10.72 -25.72 18.06
C PRO B 159 -11.04 -24.26 18.27
N LYS B 160 -12.33 -23.90 18.36
CA LYS B 160 -12.73 -22.50 18.36
C LYS B 160 -13.11 -21.97 19.74
N THR B 161 -13.45 -22.84 20.69
CA THR B 161 -13.82 -22.41 22.03
C THR B 161 -12.70 -22.54 23.04
N GLY B 162 -11.76 -23.47 22.83
CA GLY B 162 -10.66 -23.64 23.74
C GLY B 162 -11.01 -24.33 25.04
N VAL B 163 -12.06 -25.14 25.07
CA VAL B 163 -12.40 -25.92 26.24
C VAL B 163 -11.65 -27.25 26.17
N ILE B 164 -10.92 -27.56 27.23
CA ILE B 164 -10.15 -28.80 27.29
C ILE B 164 -11.07 -29.96 27.61
N ARG B 165 -10.84 -31.09 26.94
CA ARG B 165 -11.61 -32.30 27.16
C ARG B 165 -10.67 -33.50 27.25
N THR B 166 -11.02 -34.45 28.11
CA THR B 166 -10.23 -35.67 28.23
C THR B 166 -10.35 -36.50 26.97
N ALA B 167 -9.21 -37.08 26.55
CA ALA B 167 -9.18 -37.96 25.38
C ALA B 167 -9.08 -39.44 25.75
N VAL B 168 -8.92 -39.77 27.02
CA VAL B 168 -8.83 -41.15 27.47
C VAL B 168 -9.70 -41.31 28.70
N PRO B 169 -10.38 -42.46 28.89
CA PRO B 169 -11.26 -42.59 30.07
C PRO B 169 -10.62 -43.20 31.30
N ASP B 170 -9.49 -43.88 31.13
CA ASP B 170 -8.89 -44.64 32.24
C ASP B 170 -7.76 -43.83 32.87
N LEU B 171 -8.16 -42.73 33.51
CA LEU B 171 -7.23 -41.85 34.21
C LEU B 171 -7.32 -42.16 35.70
N ASP B 172 -6.53 -43.13 36.15
CA ASP B 172 -6.47 -43.47 37.56
C ASP B 172 -5.52 -42.53 38.28
N ARG B 173 -6.01 -41.88 39.33
CA ARG B 173 -5.21 -40.89 40.05
C ARG B 173 -3.99 -41.51 40.70
N GLU B 174 -4.00 -42.82 40.97
CA GLU B 174 -2.89 -43.45 41.66
C GLU B 174 -1.66 -43.59 40.77
N SER B 175 -1.87 -43.84 39.48
CA SER B 175 -0.74 -44.02 38.57
C SER B 175 -0.05 -42.69 38.27
N GLN B 176 -0.83 -41.65 38.01
CA GLN B 176 -0.27 -40.32 37.76
C GLN B 176 -1.35 -39.29 38.08
N GLU B 177 -1.07 -38.40 39.04
CA GLU B 177 -2.07 -37.47 39.53
C GLU B 177 -2.02 -36.11 38.85
N ARG B 178 -0.93 -35.79 38.16
CA ARG B 178 -0.72 -34.45 37.64
C ARG B 178 -0.21 -34.52 36.20
N TYR B 179 -0.80 -33.70 35.33
CA TYR B 179 -0.38 -33.60 33.94
C TYR B 179 -0.20 -32.12 33.59
N GLU B 180 0.85 -31.83 32.82
CA GLU B 180 1.10 -30.48 32.31
C GLU B 180 0.92 -30.48 30.80
N VAL B 181 -0.16 -29.88 30.32
CA VAL B 181 -0.49 -29.82 28.91
C VAL B 181 -0.26 -28.40 28.40
N VAL B 182 0.30 -28.29 27.21
CA VAL B 182 0.55 -27.01 26.55
C VAL B 182 -0.53 -26.78 25.50
N ILE B 183 -1.05 -25.56 25.45
CA ILE B 183 -2.10 -25.19 24.51
C ILE B 183 -1.56 -24.10 23.58
N GLN B 184 -2.01 -24.14 22.33
CA GLN B 184 -1.55 -23.21 21.30
C GLN B 184 -2.75 -22.54 20.64
N ALA B 185 -2.75 -21.21 20.62
CA ALA B 185 -3.74 -20.41 19.92
C ALA B 185 -3.08 -19.79 18.71
N THR B 186 -3.72 -19.90 17.54
CA THR B 186 -3.17 -19.41 16.29
C THR B 186 -4.21 -18.59 15.55
N ASP B 187 -3.84 -17.38 15.11
CA ASP B 187 -4.78 -16.54 14.39
C ASP B 187 -4.79 -16.93 12.91
N MET B 188 -5.34 -16.06 12.06
CA MET B 188 -5.53 -16.38 10.64
C MET B 188 -6.33 -17.66 10.46
N ALA B 189 -7.13 -18.04 11.46
CA ALA B 189 -7.94 -19.25 11.41
C ALA B 189 -7.08 -20.50 11.25
N GLY B 190 -5.85 -20.47 11.76
CA GLY B 190 -4.98 -21.62 11.71
C GLY B 190 -4.17 -21.77 10.44
N GLN B 191 -4.49 -21.00 9.40
CA GLN B 191 -3.77 -21.09 8.14
C GLN B 191 -2.30 -20.77 8.34
N LEU B 192 -1.46 -21.37 7.48
CA LEU B 192 -0.03 -21.11 7.55
C LEU B 192 0.23 -19.61 7.52
N GLY B 193 1.29 -19.18 8.20
CA GLY B 193 1.57 -17.78 8.38
C GLY B 193 0.86 -17.15 9.56
N GLY B 194 -0.03 -17.87 10.21
CA GLY B 194 -0.74 -17.32 11.36
C GLY B 194 0.16 -17.26 12.58
N LEU B 195 0.05 -16.16 13.32
CA LEU B 195 0.83 -15.98 14.54
C LEU B 195 0.26 -16.86 15.65
N SER B 196 1.09 -17.13 16.65
CA SER B 196 0.73 -18.11 17.67
C SER B 196 1.28 -17.68 19.03
N GLY B 197 0.52 -18.04 20.08
CA GLY B 197 1.01 -18.00 21.43
C GLY B 197 0.70 -19.31 22.12
N SER B 198 1.29 -19.50 23.29
CA SER B 198 1.13 -20.76 24.01
C SER B 198 1.16 -20.52 25.51
N THR B 199 0.59 -21.48 26.23
CA THR B 199 0.58 -21.47 27.69
C THR B 199 0.71 -22.90 28.18
N THR B 200 1.20 -23.03 29.41
CA THR B 200 1.35 -24.33 30.06
C THR B 200 0.23 -24.48 31.08
N VAL B 201 -0.66 -25.44 30.85
CA VAL B 201 -1.80 -25.69 31.72
C VAL B 201 -1.51 -26.94 32.54
N THR B 202 -1.56 -26.81 33.86
CA THR B 202 -1.41 -27.94 34.76
C THR B 202 -2.79 -28.46 35.14
N ILE B 203 -3.04 -29.75 34.88
CA ILE B 203 -4.31 -30.38 35.20
C ILE B 203 -4.03 -31.50 36.20
N VAL B 204 -4.85 -31.57 37.25
CA VAL B 204 -4.63 -32.48 38.37
C VAL B 204 -5.86 -33.35 38.55
N VAL B 205 -5.63 -34.63 38.80
CA VAL B 205 -6.71 -35.62 38.89
C VAL B 205 -7.16 -35.76 40.34
N THR B 206 -8.47 -35.76 40.55
CA THR B 206 -9.06 -35.90 41.86
C THR B 206 -9.65 -37.32 42.02
N ASP B 207 -10.20 -37.58 43.20
CA ASP B 207 -10.84 -38.86 43.49
C ASP B 207 -12.34 -38.82 43.19
CA CA C . 2.93 -0.43 -14.89
CA CA D . 4.61 3.32 -13.67
CA CA E . 10.74 5.29 -15.19
CA CA F . 0.51 -2.69 15.41
CA CA G . -2.67 -4.84 14.14
CA CA H . -3.24 -11.60 15.42
#